data_4H3X
#
_entry.id   4H3X
#
_cell.length_a   40.110
_cell.length_b   97.940
_cell.length_c   46.080
_cell.angle_alpha   90.00
_cell.angle_beta   111.73
_cell.angle_gamma   90.00
#
_symmetry.space_group_name_H-M   'P 1 21 1'
#
loop_
_entity.id
_entity.type
_entity.pdbx_description
1 polymer 'Matrix metalloproteinase-9'
2 non-polymer 'ZINC ION'
3 non-polymer 'CALCIUM ION'
4 non-polymer 'N-2-(biphenyl-4-ylsulfonyl)-N-2-(isopropyloxy)-acetohydroxamic acid'
5 non-polymer GLYCEROL
6 non-polymer S-1,2-PROPANEDIOL
7 non-polymer DI(HYDROXYETHYL)ETHER
8 water water
#
_entity_poly.entity_id   1
_entity_poly.type   'polypeptide(L)'
_entity_poly.pdbx_seq_one_letter_code
;GFQTFEGDLKWHHHNITYWIQNYSEDLPRAVIDDAFARAFALWSAVTPLTFTRVYSRDADIVIQFGVAEHGDGYPFDGKD
GLLAHAFPPGPGIQGDAHFDDDELWSLGKGVGYSLFLVAAHEFGHALGLDHSSVPEALMYPMYRFTEGPPLHKDDVNGIR
HLYG
;
_entity_poly.pdbx_strand_id   A,B
#
# COMPACT_ATOMS: atom_id res chain seq x y z
N GLY A 1 7.35 1.30 -12.73
CA GLY A 1 6.29 0.65 -11.96
C GLY A 1 6.79 -0.45 -11.06
N PHE A 2 7.19 -1.58 -11.65
CA PHE A 2 7.60 -2.76 -10.89
C PHE A 2 8.83 -2.53 -9.99
N GLN A 3 8.88 -3.26 -8.88
CA GLN A 3 9.98 -3.13 -7.94
C GLN A 3 10.51 -4.50 -7.51
N THR A 4 11.75 -4.51 -7.06
CA THR A 4 12.38 -5.70 -6.51
C THR A 4 12.99 -5.37 -5.15
N PHE A 5 13.16 -6.39 -4.31
CA PHE A 5 13.76 -6.19 -2.99
C PHE A 5 15.23 -5.77 -3.10
N GLU A 6 15.79 -5.19 -2.04
CA GLU A 6 17.05 -4.46 -2.16
C GLU A 6 18.33 -5.27 -2.28
N GLY A 7 18.20 -6.55 -2.62
CA GLY A 7 19.33 -7.36 -3.06
C GLY A 7 18.94 -8.03 -4.36
N ASP A 8 17.78 -7.64 -4.88
CA ASP A 8 17.11 -8.35 -5.97
C ASP A 8 17.06 -9.86 -5.69
N LEU A 9 16.57 -10.19 -4.51
CA LEU A 9 16.44 -11.57 -4.05
C LEU A 9 15.63 -12.42 -5.02
N LYS A 10 16.11 -13.62 -5.28
N LYS A 10 16.13 -13.62 -5.30
CA LYS A 10 15.45 -14.53 -6.21
CA LYS A 10 15.49 -14.52 -6.25
C LYS A 10 15.83 -15.97 -5.91
C LYS A 10 15.85 -15.96 -5.94
N TRP A 11 15.03 -16.90 -6.42
CA TRP A 11 15.32 -18.31 -6.23
C TRP A 11 16.49 -18.69 -7.11
N HIS A 12 17.32 -19.62 -6.64
CA HIS A 12 18.44 -20.11 -7.43
C HIS A 12 18.29 -21.58 -7.78
N HIS A 13 17.04 -22.00 -7.90
CA HIS A 13 16.70 -23.30 -8.46
C HIS A 13 15.35 -23.16 -9.18
N HIS A 14 15.08 -24.04 -10.15
CA HIS A 14 13.91 -23.87 -11.00
C HIS A 14 12.67 -24.64 -10.53
N ASN A 15 12.89 -25.72 -9.79
CA ASN A 15 11.78 -26.53 -9.32
C ASN A 15 11.38 -26.16 -7.91
N ILE A 16 10.50 -25.16 -7.81
CA ILE A 16 10.06 -24.64 -6.53
C ILE A 16 9.01 -25.58 -5.92
N THR A 17 9.15 -25.84 -4.62
CA THR A 17 8.17 -26.66 -3.90
C THR A 17 7.33 -25.80 -2.94
N TYR A 18 6.07 -26.20 -2.74
CA TYR A 18 5.24 -25.49 -1.79
C TYR A 18 4.44 -26.43 -0.89
N TRP A 19 4.20 -26.01 0.35
CA TRP A 19 3.47 -26.83 1.31
C TRP A 19 2.34 -26.04 1.90
N ILE A 20 1.12 -26.55 1.77
CA ILE A 20 -0.02 -25.93 2.43
C ILE A 20 -0.09 -26.49 3.83
N GLN A 21 0.47 -25.74 4.78
CA GLN A 21 0.64 -26.21 6.14
C GLN A 21 -0.70 -26.37 6.84
N ASN A 22 -1.58 -25.40 6.65
CA ASN A 22 -2.91 -25.48 7.25
C ASN A 22 -3.97 -24.82 6.39
N TYR A 23 -5.23 -24.91 6.83
CA TYR A 23 -6.35 -24.45 6.04
C TYR A 23 -7.27 -23.51 6.81
N SER A 24 -7.89 -22.58 6.09
CA SER A 24 -8.98 -21.81 6.65
C SER A 24 -10.27 -22.61 6.54
N GLU A 25 -11.18 -22.41 7.47
CA GLU A 25 -12.49 -23.05 7.38
C GLU A 25 -13.42 -22.26 6.47
N ASP A 26 -12.94 -21.13 5.94
CA ASP A 26 -13.78 -20.28 5.10
C ASP A 26 -14.19 -20.97 3.80
N LEU A 27 -13.37 -21.91 3.33
CA LEU A 27 -13.57 -22.54 2.03
C LEU A 27 -13.21 -24.02 2.14
N PRO A 28 -13.83 -24.88 1.30
CA PRO A 28 -13.49 -26.31 1.30
C PRO A 28 -12.02 -26.52 0.97
N ARG A 29 -11.41 -27.54 1.56
CA ARG A 29 -9.98 -27.81 1.31
C ARG A 29 -9.60 -27.95 -0.16
N ALA A 30 -10.45 -28.59 -0.97
CA ALA A 30 -10.10 -28.79 -2.38
C ALA A 30 -10.20 -27.49 -3.22
N VAL A 31 -11.09 -26.60 -2.78
CA VAL A 31 -11.25 -25.29 -3.40
C VAL A 31 -10.00 -24.45 -3.11
N ILE A 32 -9.54 -24.49 -1.86
CA ILE A 32 -8.30 -23.83 -1.46
C ILE A 32 -7.05 -24.38 -2.18
N ASP A 33 -6.88 -25.71 -2.24
CA ASP A 33 -5.78 -26.29 -3.02
C ASP A 33 -5.76 -25.79 -4.47
N ASP A 34 -6.91 -25.80 -5.12
CA ASP A 34 -7.04 -25.33 -6.50
C ASP A 34 -6.80 -23.83 -6.64
N ALA A 35 -7.22 -23.05 -5.64
CA ALA A 35 -6.97 -21.59 -5.71
C ALA A 35 -5.47 -21.33 -5.74
N PHE A 36 -4.76 -22.04 -4.89
CA PHE A 36 -3.32 -21.87 -4.81
C PHE A 36 -2.66 -22.41 -6.07
N ALA A 37 -3.13 -23.54 -6.56
CA ALA A 37 -2.56 -24.10 -7.79
C ALA A 37 -2.73 -23.14 -8.96
N ARG A 38 -3.90 -22.50 -9.04
CA ARG A 38 -4.16 -21.58 -10.15
C ARG A 38 -3.27 -20.34 -10.04
N ALA A 39 -2.95 -19.94 -8.83
CA ALA A 39 -2.14 -18.76 -8.66
C ALA A 39 -0.69 -19.04 -9.04
N PHE A 40 -0.18 -20.22 -8.69
CA PHE A 40 1.15 -20.61 -9.15
C PHE A 40 1.17 -20.72 -10.67
N ALA A 41 0.08 -21.24 -11.23
CA ALA A 41 -0.02 -21.44 -12.67
C ALA A 41 0.20 -20.13 -13.44
N LEU A 42 -0.31 -19.02 -12.91
CA LEU A 42 -0.12 -17.74 -13.57
C LEU A 42 1.39 -17.50 -13.70
N TRP A 43 2.15 -17.80 -12.65
CA TRP A 43 3.58 -17.45 -12.63
C TRP A 43 4.46 -18.46 -13.36
N SER A 44 4.08 -19.73 -13.33
N SER A 44 4.08 -19.73 -13.33
CA SER A 44 4.89 -20.75 -14.00
CA SER A 44 4.86 -20.76 -14.01
C SER A 44 4.87 -20.56 -15.52
C SER A 44 4.87 -20.54 -15.52
N ALA A 45 3.76 -20.06 -16.04
CA ALA A 45 3.62 -19.88 -17.48
C ALA A 45 4.63 -18.89 -18.05
N VAL A 46 5.02 -17.91 -17.23
CA VAL A 46 5.79 -16.79 -17.70
C VAL A 46 7.24 -16.80 -17.24
N THR A 47 7.64 -17.89 -16.60
CA THR A 47 9.00 -18.08 -16.10
C THR A 47 9.49 -19.52 -16.38
N PRO A 48 10.80 -19.74 -16.19
CA PRO A 48 11.31 -21.12 -16.22
C PRO A 48 11.00 -21.93 -14.96
N LEU A 49 10.22 -21.38 -14.04
CA LEU A 49 9.96 -22.09 -12.79
C LEU A 49 8.83 -23.09 -12.91
N THR A 50 8.89 -24.16 -12.13
CA THR A 50 7.72 -24.99 -11.90
C THR A 50 7.39 -25.02 -10.41
N PHE A 51 6.13 -25.33 -10.12
CA PHE A 51 5.69 -25.39 -8.74
C PHE A 51 5.07 -26.74 -8.44
N THR A 52 5.66 -27.42 -7.47
CA THR A 52 5.22 -28.75 -7.09
C THR A 52 4.81 -28.75 -5.64
N ARG A 53 3.59 -29.23 -5.41
CA ARG A 53 3.06 -29.32 -4.05
C ARG A 53 3.73 -30.48 -3.33
N VAL A 54 4.19 -30.23 -2.11
CA VAL A 54 4.75 -31.26 -1.25
C VAL A 54 4.16 -31.16 0.15
N TYR A 55 4.50 -32.12 1.00
CA TYR A 55 3.89 -32.17 2.31
C TYR A 55 4.96 -32.14 3.39
N SER A 56 5.86 -31.19 3.23
CA SER A 56 7.07 -31.15 4.03
C SER A 56 7.45 -29.75 4.47
N ARG A 57 8.03 -29.68 5.67
N ARG A 57 8.02 -29.67 5.66
CA ARG A 57 8.51 -28.42 6.22
CA ARG A 57 8.49 -28.41 6.21
C ARG A 57 9.69 -27.86 5.41
C ARG A 57 9.75 -27.89 5.51
N ASP A 58 10.31 -28.71 4.60
CA ASP A 58 11.47 -28.30 3.82
C ASP A 58 11.07 -27.67 2.49
N ALA A 59 9.77 -27.50 2.28
CA ALA A 59 9.30 -26.82 1.08
C ALA A 59 9.83 -25.40 0.98
N ASP A 60 10.06 -24.92 -0.24
CA ASP A 60 10.53 -23.56 -0.44
C ASP A 60 9.47 -22.57 0.04
N ILE A 61 8.25 -22.70 -0.47
CA ILE A 61 7.16 -21.78 -0.13
C ILE A 61 6.17 -22.44 0.82
N VAL A 62 6.27 -22.12 2.11
CA VAL A 62 5.35 -22.69 3.09
C VAL A 62 4.19 -21.72 3.24
N ILE A 63 2.97 -22.24 3.14
CA ILE A 63 1.77 -21.42 3.10
C ILE A 63 1.00 -21.68 4.38
N GLN A 64 0.60 -20.63 5.06
CA GLN A 64 -0.11 -20.78 6.32
C GLN A 64 -1.24 -19.77 6.50
N PHE A 65 -2.32 -20.21 7.13
CA PHE A 65 -3.35 -19.29 7.58
C PHE A 65 -3.10 -18.99 9.06
N GLY A 66 -3.17 -17.71 9.43
CA GLY A 66 -2.92 -17.33 10.82
C GLY A 66 -3.63 -16.06 11.26
N VAL A 67 -3.61 -15.81 12.56
CA VAL A 67 -4.22 -14.61 13.14
C VAL A 67 -3.28 -13.87 14.08
N ALA A 68 -3.43 -12.54 14.12
CA ALA A 68 -2.63 -11.64 14.95
C ALA A 68 -1.12 -11.94 14.89
N GLU A 69 -0.45 -11.92 16.03
CA GLU A 69 0.95 -12.32 16.06
C GLU A 69 0.99 -13.83 15.88
N HIS A 70 1.75 -14.33 14.91
CA HIS A 70 1.62 -15.74 14.55
C HIS A 70 2.94 -16.43 14.31
N GLY A 71 4.02 -15.82 14.80
CA GLY A 71 5.29 -16.51 14.87
C GLY A 71 6.44 -15.90 14.09
N ASP A 72 6.20 -14.76 13.45
CA ASP A 72 7.25 -14.14 12.65
C ASP A 72 7.49 -12.67 12.94
N GLY A 73 7.01 -12.20 14.09
CA GLY A 73 7.24 -10.83 14.50
C GLY A 73 6.43 -9.79 13.72
N TYR A 74 5.73 -10.24 12.69
CA TYR A 74 4.89 -9.35 11.90
C TYR A 74 3.44 -9.76 12.08
N PRO A 75 2.78 -9.23 13.11
CA PRO A 75 1.45 -9.69 13.49
C PRO A 75 0.37 -9.23 12.51
N PHE A 76 -0.67 -10.05 12.36
CA PHE A 76 -1.85 -9.61 11.64
C PHE A 76 -2.70 -8.77 12.59
N ASP A 77 -3.84 -8.30 12.11
CA ASP A 77 -4.51 -7.18 12.77
C ASP A 77 -6.03 -7.31 12.83
N GLY A 78 -6.55 -8.53 12.75
CA GLY A 78 -7.98 -8.72 12.77
C GLY A 78 -8.60 -8.41 11.42
N LYS A 79 -9.92 -8.26 11.38
CA LYS A 79 -10.61 -8.06 10.11
C LYS A 79 -10.20 -6.75 9.45
N ASP A 80 -10.14 -6.77 8.11
CA ASP A 80 -9.70 -5.63 7.30
C ASP A 80 -8.23 -5.30 7.55
N GLY A 81 -7.78 -4.14 7.06
CA GLY A 81 -6.37 -3.80 7.16
C GLY A 81 -5.52 -4.79 6.39
N LEU A 82 -4.52 -5.36 7.02
CA LEU A 82 -3.64 -6.28 6.35
C LEU A 82 -4.37 -7.53 6.00
N LEU A 83 -4.12 -8.08 4.82
CA LEU A 83 -4.83 -9.28 4.34
C LEU A 83 -3.92 -10.51 4.34
N ALA A 84 -2.65 -10.26 4.06
CA ALA A 84 -1.69 -11.34 3.86
C ALA A 84 -0.35 -10.69 3.66
N HIS A 85 0.70 -11.48 3.86
CA HIS A 85 2.05 -11.03 3.55
C HIS A 85 2.94 -12.18 3.13
N ALA A 86 4.05 -11.86 2.48
CA ALA A 86 4.96 -12.90 2.04
C ALA A 86 6.38 -12.37 2.04
N PHE A 87 7.34 -13.29 2.12
CA PHE A 87 8.73 -12.89 2.24
C PHE A 87 9.43 -13.25 0.96
N PRO A 88 10.39 -12.42 0.53
CA PRO A 88 11.16 -12.67 -0.69
C PRO A 88 11.96 -13.98 -0.60
N PRO A 89 12.45 -14.48 -1.73
CA PRO A 89 13.18 -15.75 -1.74
C PRO A 89 14.41 -15.84 -0.82
N GLY A 90 14.62 -17.05 -0.31
CA GLY A 90 15.77 -17.37 0.52
C GLY A 90 15.37 -18.49 1.45
N PRO A 91 16.21 -18.83 2.41
CA PRO A 91 16.00 -19.99 3.30
C PRO A 91 14.98 -19.75 4.40
N GLY A 92 14.35 -20.82 4.91
CA GLY A 92 13.49 -20.73 6.08
C GLY A 92 12.23 -19.95 5.84
N ILE A 93 11.96 -18.96 6.70
N ILE A 93 11.96 -18.97 6.70
CA ILE A 93 10.78 -18.11 6.57
CA ILE A 93 10.79 -18.12 6.57
C ILE A 93 10.72 -17.40 5.22
C ILE A 93 10.73 -17.40 5.21
N GLN A 94 11.89 -17.21 4.58
CA GLN A 94 11.92 -16.56 3.28
C GLN A 94 11.16 -17.36 2.24
N GLY A 95 10.46 -16.65 1.35
CA GLY A 95 9.64 -17.33 0.37
C GLY A 95 8.27 -17.77 0.87
N ASP A 96 8.04 -17.65 2.17
CA ASP A 96 6.78 -18.17 2.74
C ASP A 96 5.64 -17.16 2.56
N ALA A 97 4.41 -17.64 2.63
CA ALA A 97 3.25 -16.77 2.38
C ALA A 97 2.22 -17.01 3.46
N HIS A 98 1.78 -15.95 4.14
CA HIS A 98 0.83 -16.05 5.25
C HIS A 98 -0.46 -15.31 4.92
N PHE A 99 -1.61 -15.92 5.24
CA PHE A 99 -2.92 -15.28 5.00
C PHE A 99 -3.68 -15.02 6.31
N ASP A 100 -4.20 -13.80 6.46
CA ASP A 100 -4.91 -13.39 7.68
C ASP A 100 -6.26 -14.10 7.71
N ASP A 101 -6.43 -15.09 8.59
CA ASP A 101 -7.68 -15.84 8.61
C ASP A 101 -8.77 -15.10 9.39
N ASP A 102 -8.43 -13.93 9.91
CA ASP A 102 -9.45 -13.06 10.48
C ASP A 102 -10.20 -12.40 9.32
N GLU A 103 -9.67 -12.54 8.12
CA GLU A 103 -10.39 -12.10 6.92
C GLU A 103 -11.30 -13.22 6.46
N LEU A 104 -12.30 -12.88 5.65
CA LEU A 104 -13.17 -13.88 5.07
C LEU A 104 -12.69 -14.25 3.66
N TRP A 105 -12.24 -15.49 3.49
CA TRP A 105 -11.71 -15.91 2.20
C TRP A 105 -12.80 -16.51 1.33
N SER A 106 -12.84 -16.06 0.09
CA SER A 106 -13.89 -16.45 -0.84
C SER A 106 -13.31 -16.54 -2.25
N LEU A 107 -14.17 -16.86 -3.20
CA LEU A 107 -13.85 -16.69 -4.61
C LEU A 107 -15.07 -16.09 -5.27
N GLY A 108 -14.87 -15.33 -6.34
CA GLY A 108 -16.00 -14.75 -7.05
C GLY A 108 -16.53 -13.48 -6.41
N LYS A 109 -17.37 -12.77 -7.15
CA LYS A 109 -17.89 -11.48 -6.72
C LYS A 109 -18.84 -11.62 -5.54
N GLY A 110 -18.60 -10.83 -4.50
CA GLY A 110 -19.45 -10.86 -3.33
C GLY A 110 -18.67 -10.54 -2.07
N VAL A 111 -18.98 -11.28 -1.00
CA VAL A 111 -18.32 -11.05 0.28
C VAL A 111 -16.87 -11.54 0.23
N GLY A 112 -16.05 -11.01 1.12
CA GLY A 112 -14.71 -11.53 1.30
C GLY A 112 -13.69 -11.07 0.28
N TYR A 113 -12.48 -11.62 0.41
CA TYR A 113 -11.39 -11.35 -0.52
C TYR A 113 -11.12 -12.61 -1.30
N SER A 114 -10.91 -12.48 -2.61
CA SER A 114 -10.58 -13.64 -3.42
C SER A 114 -9.24 -14.25 -3.02
N LEU A 115 -9.28 -15.48 -2.53
CA LEU A 115 -8.06 -16.20 -2.18
C LEU A 115 -7.13 -16.32 -3.38
N PHE A 116 -7.70 -16.60 -4.56
CA PHE A 116 -6.92 -16.73 -5.80
C PHE A 116 -6.15 -15.45 -6.12
N LEU A 117 -6.86 -14.33 -6.13
CA LEU A 117 -6.24 -13.03 -6.42
C LEU A 117 -5.20 -12.61 -5.38
N VAL A 118 -5.51 -12.78 -4.10
CA VAL A 118 -4.53 -12.42 -3.05
C VAL A 118 -3.30 -13.36 -3.12
N ALA A 119 -3.54 -14.65 -3.36
CA ALA A 119 -2.44 -15.60 -3.49
C ALA A 119 -1.54 -15.27 -4.67
N ALA A 120 -2.14 -14.84 -5.78
CA ALA A 120 -1.35 -14.47 -6.95
C ALA A 120 -0.40 -13.32 -6.61
N HIS A 121 -0.91 -12.28 -5.94
CA HIS A 121 -0.09 -11.16 -5.44
C HIS A 121 0.99 -11.64 -4.48
N GLU A 122 0.59 -12.44 -3.50
CA GLU A 122 1.54 -12.92 -2.48
C GLU A 122 2.64 -13.80 -3.06
N PHE A 123 2.28 -14.62 -4.04
CA PHE A 123 3.25 -15.49 -4.68
C PHE A 123 4.21 -14.66 -5.51
N GLY A 124 3.75 -13.50 -5.99
CA GLY A 124 4.66 -12.57 -6.64
C GLY A 124 5.75 -12.14 -5.70
N HIS A 125 5.37 -11.75 -4.49
CA HIS A 125 6.32 -11.36 -3.44
C HIS A 125 7.27 -12.54 -3.13
N ALA A 126 6.72 -13.75 -3.06
CA ALA A 126 7.52 -14.93 -2.69
C ALA A 126 8.50 -15.34 -3.79
N LEU A 127 8.32 -14.79 -4.99
CA LEU A 127 9.29 -14.99 -6.09
C LEU A 127 10.27 -13.84 -6.23
N GLY A 128 10.01 -12.74 -5.52
CA GLY A 128 10.95 -11.64 -5.50
C GLY A 128 10.46 -10.27 -5.94
N LEU A 129 9.18 -10.16 -6.30
CA LEU A 129 8.62 -8.88 -6.75
C LEU A 129 8.20 -8.00 -5.56
N ASP A 130 8.54 -6.72 -5.61
CA ASP A 130 8.03 -5.75 -4.64
C ASP A 130 6.76 -5.10 -5.22
N HIS A 131 6.20 -4.13 -4.52
CA HIS A 131 5.01 -3.45 -5.03
C HIS A 131 5.29 -2.63 -6.28
N SER A 132 4.30 -2.59 -7.16
CA SER A 132 4.40 -1.81 -8.37
C SER A 132 3.66 -0.48 -8.17
N SER A 133 4.10 0.58 -8.84
CA SER A 133 3.38 1.86 -8.76
C SER A 133 2.39 2.03 -9.90
N VAL A 134 2.22 0.97 -10.70
CA VAL A 134 1.26 0.95 -11.80
C VAL A 134 -0.07 0.39 -11.32
N PRO A 135 -1.12 1.25 -11.24
CA PRO A 135 -2.38 0.86 -10.61
C PRO A 135 -3.10 -0.32 -11.27
N GLU A 136 -2.77 -0.64 -12.52
CA GLU A 136 -3.41 -1.76 -13.21
C GLU A 136 -2.82 -3.14 -12.91
N ALA A 137 -1.76 -3.19 -12.13
CA ALA A 137 -0.92 -4.37 -12.03
C ALA A 137 -1.24 -5.16 -10.81
N LEU A 138 -0.97 -6.46 -10.90
CA LEU A 138 -1.22 -7.38 -9.81
C LEU A 138 -0.43 -6.99 -8.56
N MET A 139 0.80 -6.52 -8.77
CA MET A 139 1.66 -6.14 -7.66
C MET A 139 1.39 -4.74 -7.12
N TYR A 140 0.46 -4.01 -7.73
CA TYR A 140 0.02 -2.74 -7.15
C TYR A 140 -0.69 -3.04 -5.85
N PRO A 141 -0.37 -2.31 -4.77
CA PRO A 141 -0.80 -2.72 -3.43
C PRO A 141 -2.21 -2.32 -3.03
N MET A 142 -3.18 -2.57 -3.90
N MET A 142 -3.18 -2.57 -3.88
CA MET A 142 -4.58 -2.36 -3.58
CA MET A 142 -4.55 -2.43 -3.43
C MET A 142 -5.38 -3.54 -4.12
C MET A 142 -5.42 -3.48 -4.09
N TYR A 143 -6.17 -4.18 -3.25
CA TYR A 143 -6.99 -5.29 -3.69
C TYR A 143 -8.17 -4.75 -4.48
N ARG A 144 -8.36 -5.23 -5.70
CA ARG A 144 -9.62 -5.01 -6.40
C ARG A 144 -10.09 -6.30 -7.04
N PHE A 145 -11.34 -6.67 -6.78
CA PHE A 145 -11.86 -7.88 -7.37
C PHE A 145 -12.01 -7.68 -8.88
N THR A 146 -11.59 -8.69 -9.64
CA THR A 146 -11.77 -8.66 -11.09
C THR A 146 -11.94 -10.07 -11.62
N GLU A 147 -12.61 -10.19 -12.76
CA GLU A 147 -12.75 -11.49 -13.41
C GLU A 147 -11.71 -11.62 -14.53
N GLY A 148 -11.08 -10.51 -14.87
CA GLY A 148 -10.09 -10.48 -15.95
C GLY A 148 -8.76 -11.12 -15.59
N PRO A 149 -7.89 -11.30 -16.60
CA PRO A 149 -6.58 -11.92 -16.45
C PRO A 149 -5.72 -11.05 -15.51
N PRO A 150 -5.17 -11.66 -14.46
CA PRO A 150 -4.53 -10.85 -13.41
C PRO A 150 -3.22 -10.22 -13.81
N LEU A 151 -2.46 -10.84 -14.71
CA LEU A 151 -1.12 -10.31 -14.98
C LEU A 151 -1.13 -9.06 -15.86
N HIS A 152 -0.30 -8.08 -15.52
CA HIS A 152 -0.12 -6.89 -16.34
C HIS A 152 1.28 -6.95 -16.94
N LYS A 153 1.51 -6.20 -18.02
CA LYS A 153 2.85 -6.03 -18.61
C LYS A 153 3.89 -5.76 -17.54
N ASP A 154 3.53 -4.94 -16.55
CA ASP A 154 4.50 -4.55 -15.53
C ASP A 154 4.90 -5.74 -14.67
N ASP A 155 3.94 -6.62 -14.41
CA ASP A 155 4.20 -7.81 -13.62
C ASP A 155 5.12 -8.76 -14.38
N VAL A 156 4.81 -8.96 -15.67
CA VAL A 156 5.62 -9.85 -16.49
C VAL A 156 7.02 -9.29 -16.73
N ASN A 157 7.14 -7.99 -17.01
CA ASN A 157 8.45 -7.33 -17.11
C ASN A 157 9.29 -7.53 -15.85
N GLY A 158 8.64 -7.46 -14.69
CA GLY A 158 9.33 -7.60 -13.43
C GLY A 158 9.86 -9.00 -13.22
N ILE A 159 9.00 -9.98 -13.48
N ILE A 159 9.05 -10.01 -13.52
CA ILE A 159 9.36 -11.37 -13.26
CA ILE A 159 9.54 -11.36 -13.33
C ILE A 159 10.35 -11.84 -14.31
C ILE A 159 10.59 -11.76 -14.37
N ARG A 160 10.38 -11.17 -15.47
N ARG A 160 10.48 -11.24 -15.59
CA ARG A 160 11.37 -11.46 -16.51
CA ARG A 160 11.51 -11.50 -16.59
C ARG A 160 12.73 -10.91 -16.11
C ARG A 160 12.81 -10.84 -16.20
N HIS A 161 12.71 -9.77 -15.42
CA HIS A 161 13.92 -9.14 -14.90
C HIS A 161 14.62 -10.10 -13.94
N LEU A 162 13.84 -10.85 -13.17
CA LEU A 162 14.39 -11.78 -12.19
C LEU A 162 14.71 -13.18 -12.74
N TYR A 163 13.91 -13.68 -13.67
CA TYR A 163 14.06 -15.07 -14.08
C TYR A 163 14.19 -15.27 -15.59
N GLY A 164 14.17 -14.17 -16.33
CA GLY A 164 14.08 -14.23 -17.78
C GLY A 164 15.39 -14.14 -18.51
N GLY B 1 13.44 2.42 6.51
CA GLY B 1 12.54 1.95 5.47
C GLY B 1 11.99 3.05 4.59
N PHE B 2 12.38 4.31 4.84
CA PHE B 2 11.81 5.44 4.09
C PHE B 2 12.14 5.38 2.62
N GLN B 3 11.35 6.08 1.82
CA GLN B 3 11.55 6.12 0.39
C GLN B 3 11.23 7.53 -0.10
N THR B 4 11.90 7.94 -1.16
CA THR B 4 11.66 9.23 -1.77
C THR B 4 11.36 9.00 -3.25
N PHE B 5 10.94 10.05 -3.95
CA PHE B 5 10.64 9.93 -5.37
C PHE B 5 11.91 10.15 -6.19
N GLU B 6 11.91 9.62 -7.41
CA GLU B 6 13.14 9.62 -8.21
C GLU B 6 13.58 11.03 -8.60
N GLY B 7 14.78 11.40 -8.18
CA GLY B 7 15.28 12.76 -8.32
C GLY B 7 15.26 13.47 -6.97
N ASP B 8 14.78 12.78 -5.94
CA ASP B 8 14.64 13.35 -4.61
C ASP B 8 13.81 14.64 -4.66
N LEU B 9 12.64 14.57 -5.30
CA LEU B 9 11.76 15.72 -5.44
C LEU B 9 11.50 16.38 -4.11
N LYS B 10 11.56 17.70 -4.10
N LYS B 10 11.53 17.70 -4.10
CA LYS B 10 11.37 18.47 -2.88
CA LYS B 10 11.39 18.48 -2.88
C LYS B 10 11.05 19.91 -3.24
C LYS B 10 11.03 19.91 -3.24
N TRP B 11 10.43 20.62 -2.31
CA TRP B 11 10.16 22.05 -2.50
C TRP B 11 11.47 22.79 -2.42
N HIS B 12 11.60 23.85 -3.21
CA HIS B 12 12.80 24.68 -3.15
C HIS B 12 12.49 26.10 -2.69
N HIS B 13 11.45 26.22 -1.87
CA HIS B 13 11.17 27.45 -1.14
C HIS B 13 10.62 27.05 0.22
N HIS B 14 10.69 27.98 1.18
CA HIS B 14 10.44 27.69 2.59
C HIS B 14 9.00 27.87 3.00
N ASN B 15 8.33 28.87 2.43
N ASN B 15 8.35 28.93 2.51
CA ASN B 15 6.97 29.21 2.86
CA ASN B 15 6.95 29.15 2.88
C ASN B 15 5.89 28.60 1.94
C ASN B 15 5.99 28.55 1.89
N ILE B 16 5.53 27.36 2.22
CA ILE B 16 4.58 26.63 1.42
C ILE B 16 3.18 27.12 1.70
N THR B 17 2.43 27.47 0.67
CA THR B 17 1.07 27.94 0.84
C THR B 17 0.10 26.81 0.48
N TYR B 18 -1.09 26.84 1.06
CA TYR B 18 -2.10 25.87 0.70
C TYR B 18 -3.50 26.46 0.60
N TRP B 19 -4.30 25.86 -0.27
CA TRP B 19 -5.66 26.32 -0.52
C TRP B 19 -6.61 25.15 -0.37
N ILE B 20 -7.61 25.30 0.49
CA ILE B 20 -8.69 24.33 0.58
C ILE B 20 -9.74 24.69 -0.46
N GLN B 21 -9.64 24.04 -1.62
CA GLN B 21 -10.47 24.36 -2.78
C GLN B 21 -11.96 24.14 -2.53
N ASN B 22 -12.28 23.04 -1.87
CA ASN B 22 -13.67 22.73 -1.54
C ASN B 22 -13.78 21.91 -0.26
N TYR B 23 -15.01 21.69 0.22
CA TYR B 23 -15.23 20.95 1.46
C TYR B 23 -16.16 19.76 1.31
N SER B 24 -15.88 18.70 2.06
CA SER B 24 -16.84 17.64 2.26
C SER B 24 -17.85 18.11 3.28
N GLU B 25 -19.07 17.57 3.21
N GLU B 25 -19.08 17.59 3.23
CA GLU B 25 -20.09 17.91 4.19
CA GLU B 25 -20.07 17.95 4.23
C GLU B 25 -20.18 16.85 5.29
C GLU B 25 -20.14 16.90 5.36
N ASP B 26 -19.15 16.01 5.38
CA ASP B 26 -19.06 14.98 6.40
C ASP B 26 -18.75 15.58 7.77
N LEU B 27 -18.09 16.73 7.77
CA LEU B 27 -17.67 17.38 8.99
C LEU B 27 -17.87 18.89 8.87
N PRO B 28 -17.95 19.60 10.00
CA PRO B 28 -18.01 21.05 9.97
C PRO B 28 -16.81 21.65 9.25
N ARG B 29 -17.00 22.79 8.60
N ARG B 29 -17.00 22.79 8.60
CA ARG B 29 -15.93 23.46 7.88
CA ARG B 29 -15.93 23.44 7.87
C ARG B 29 -14.73 23.76 8.77
C ARG B 29 -14.73 23.81 8.75
N ALA B 30 -14.99 24.29 9.97
CA ALA B 30 -13.92 24.64 10.90
C ALA B 30 -13.19 23.39 11.41
N VAL B 31 -13.89 22.28 11.48
CA VAL B 31 -13.29 21.04 11.94
C VAL B 31 -12.29 20.58 10.87
N ILE B 32 -12.73 20.62 9.61
CA ILE B 32 -11.89 20.26 8.47
C ILE B 32 -10.66 21.17 8.37
N ASP B 33 -10.87 22.48 8.50
CA ASP B 33 -9.75 23.42 8.52
C ASP B 33 -8.75 23.06 9.60
N ASP B 34 -9.27 22.74 10.78
CA ASP B 34 -8.41 22.43 11.90
C ASP B 34 -7.66 21.12 11.70
N ALA B 35 -8.31 20.12 11.10
CA ALA B 35 -7.65 18.83 10.85
C ALA B 35 -6.46 19.06 9.94
N PHE B 36 -6.68 19.78 8.84
CA PHE B 36 -5.61 20.05 7.90
C PHE B 36 -4.52 20.86 8.58
N ALA B 37 -4.91 21.82 9.40
CA ALA B 37 -3.92 22.64 10.09
C ALA B 37 -3.05 21.79 11.04
N ARG B 38 -3.67 20.87 11.76
CA ARG B 38 -2.90 20.01 12.67
C ARG B 38 -1.92 19.12 11.89
N ALA B 39 -2.36 18.66 10.74
CA ALA B 39 -1.53 17.79 9.90
C ALA B 39 -0.27 18.51 9.40
N PHE B 40 -0.43 19.77 8.99
CA PHE B 40 0.70 20.58 8.56
C PHE B 40 1.62 20.88 9.75
N ALA B 41 1.02 21.04 10.92
CA ALA B 41 1.79 21.33 12.13
C ALA B 41 2.72 20.18 12.50
N LEU B 42 2.27 18.94 12.27
N LEU B 42 2.26 18.96 12.23
CA LEU B 42 3.14 17.80 12.52
CA LEU B 42 3.05 17.76 12.45
C LEU B 42 4.43 17.98 11.70
C LEU B 42 4.36 17.82 11.65
N TRP B 43 4.28 18.35 10.43
CA TRP B 43 5.44 18.46 9.54
C TRP B 43 6.27 19.72 9.72
N SER B 44 5.64 20.82 10.11
N SER B 44 5.62 20.82 10.11
CA SER B 44 6.37 22.08 10.21
CA SER B 44 6.33 22.09 10.25
C SER B 44 7.41 22.04 11.32
C SER B 44 7.41 22.00 11.31
N ALA B 45 7.07 21.33 12.40
CA ALA B 45 7.96 21.25 13.56
C ALA B 45 9.29 20.55 13.25
N VAL B 46 9.27 19.67 12.25
CA VAL B 46 10.41 18.83 11.95
C VAL B 46 11.07 19.17 10.60
N THR B 47 10.67 20.30 10.01
CA THR B 47 11.22 20.78 8.74
C THR B 47 11.49 22.27 8.81
N PRO B 48 12.29 22.80 7.88
CA PRO B 48 12.44 24.27 7.80
C PRO B 48 11.29 24.98 7.07
N LEU B 49 10.18 24.26 6.84
CA LEU B 49 9.05 24.81 6.10
C LEU B 49 8.00 25.44 7.01
N THR B 50 7.32 26.47 6.52
CA THR B 50 6.09 26.93 7.13
C THR B 50 4.94 26.69 6.16
N PHE B 51 3.73 26.49 6.69
CA PHE B 51 2.56 26.33 5.87
C PHE B 51 1.51 27.40 6.16
N THR B 52 1.18 28.17 5.13
CA THR B 52 0.25 29.28 5.30
C THR B 52 -0.98 29.07 4.45
N ARG B 53 -2.14 29.18 5.07
CA ARG B 53 -3.39 29.02 4.37
C ARG B 53 -3.70 30.25 3.51
N VAL B 54 -3.96 30.01 2.22
CA VAL B 54 -4.32 31.08 1.31
C VAL B 54 -5.59 30.74 0.55
N TYR B 55 -6.15 31.76 -0.11
CA TYR B 55 -7.34 31.56 -0.91
C TYR B 55 -6.98 31.97 -2.33
N SER B 56 -6.33 31.04 -3.04
CA SER B 56 -5.67 31.36 -4.30
C SER B 56 -5.32 30.11 -5.11
N ARG B 57 -5.67 30.13 -6.40
N ARG B 57 -5.67 30.13 -6.40
CA ARG B 57 -5.34 29.04 -7.31
CA ARG B 57 -5.33 29.05 -7.32
C ARG B 57 -3.82 28.81 -7.41
C ARG B 57 -3.83 28.80 -7.40
N ASP B 58 -3.04 29.81 -7.03
CA ASP B 58 -1.59 29.72 -7.13
C ASP B 58 -0.92 29.08 -5.90
N ALA B 59 -1.72 28.63 -4.94
CA ALA B 59 -1.18 27.94 -3.76
C ALA B 59 -0.35 26.73 -4.17
N ASP B 60 0.69 26.42 -3.40
CA ASP B 60 1.55 25.27 -3.68
C ASP B 60 0.76 23.98 -3.54
N ILE B 61 0.15 23.81 -2.37
CA ILE B 61 -0.60 22.62 -2.08
C ILE B 61 -2.09 22.92 -2.17
N VAL B 62 -2.71 22.52 -3.28
CA VAL B 62 -4.15 22.65 -3.41
C VAL B 62 -4.83 21.39 -2.91
N ILE B 63 -5.80 21.59 -2.03
CA ILE B 63 -6.53 20.51 -1.37
C ILE B 63 -7.96 20.41 -1.90
N GLN B 64 -8.36 19.22 -2.37
CA GLN B 64 -9.74 19.04 -2.83
C GLN B 64 -10.34 17.73 -2.40
N PHE B 65 -11.66 17.76 -2.18
CA PHE B 65 -12.42 16.54 -2.03
C PHE B 65 -13.07 16.24 -3.37
N GLY B 66 -13.03 14.99 -3.78
CA GLY B 66 -13.57 14.60 -5.06
C GLY B 66 -14.11 13.19 -5.00
N VAL B 67 -14.95 12.86 -5.98
CA VAL B 67 -15.45 11.50 -6.13
C VAL B 67 -15.23 11.09 -7.57
N ALA B 68 -14.93 9.80 -7.79
CA ALA B 68 -14.74 9.25 -9.13
C ALA B 68 -13.64 9.97 -9.91
N GLU B 69 -13.88 10.17 -11.21
CA GLU B 69 -12.99 11.02 -12.00
C GLU B 69 -13.17 12.46 -11.53
N HIS B 70 -12.10 13.09 -11.06
CA HIS B 70 -12.19 14.43 -10.52
C HIS B 70 -11.18 15.39 -11.14
N GLY B 71 -10.68 15.04 -12.32
CA GLY B 71 -9.94 15.98 -13.13
C GLY B 71 -8.45 15.82 -13.21
N ASP B 72 -7.93 14.65 -12.84
CA ASP B 72 -6.49 14.44 -12.96
C ASP B 72 -6.10 13.11 -13.61
N GLY B 73 -7.10 12.32 -13.98
CA GLY B 73 -6.86 11.07 -14.67
C GLY B 73 -6.62 9.91 -13.72
N TYR B 74 -6.68 10.21 -12.42
CA TYR B 74 -6.57 9.17 -11.40
C TYR B 74 -7.86 9.13 -10.60
N PRO B 75 -8.88 8.44 -11.13
CA PRO B 75 -10.19 8.43 -10.50
C PRO B 75 -10.19 7.71 -9.16
N PHE B 76 -11.09 8.12 -8.27
CA PHE B 76 -11.32 7.39 -7.05
C PHE B 76 -12.29 6.24 -7.35
N ASP B 77 -12.64 5.46 -6.34
CA ASP B 77 -13.22 4.15 -6.60
C ASP B 77 -14.44 3.87 -5.73
N GLY B 78 -15.14 4.93 -5.34
CA GLY B 78 -16.28 4.76 -4.47
C GLY B 78 -15.87 4.37 -3.07
N LYS B 79 -16.81 3.81 -2.30
CA LYS B 79 -16.56 3.48 -0.91
C LYS B 79 -15.38 2.53 -0.71
N ASP B 80 -14.53 2.85 0.26
CA ASP B 80 -13.36 2.04 0.58
C ASP B 80 -12.34 1.94 -0.56
N GLY B 81 -11.39 1.01 -0.45
CA GLY B 81 -10.26 0.99 -1.36
C GLY B 81 -9.46 2.26 -1.23
N LEU B 82 -9.31 3.01 -2.31
CA LEU B 82 -8.54 4.26 -2.27
C LEU B 82 -9.18 5.32 -1.35
N LEU B 83 -8.37 5.99 -0.54
CA LEU B 83 -8.90 6.99 0.39
C LEU B 83 -8.54 8.38 -0.07
N ALA B 84 -7.35 8.50 -0.64
CA ALA B 84 -6.75 9.80 -0.91
C ALA B 84 -5.47 9.59 -1.68
N HIS B 85 -5.04 10.63 -2.38
CA HIS B 85 -3.74 10.60 -3.04
C HIS B 85 -3.16 12.01 -3.16
N ALA B 86 -1.85 12.07 -3.29
CA ALA B 86 -1.18 13.35 -3.36
C ALA B 86 -0.04 13.24 -4.35
N PHE B 87 0.48 14.37 -4.82
CA PHE B 87 1.50 14.38 -5.84
C PHE B 87 2.76 14.98 -5.23
N PRO B 88 3.93 14.46 -5.60
CA PRO B 88 5.22 14.98 -5.08
C PRO B 88 5.40 16.43 -5.47
N PRO B 89 6.30 17.15 -4.77
CA PRO B 89 6.47 18.59 -4.97
C PRO B 89 6.82 18.99 -6.40
N GLY B 90 6.39 20.18 -6.78
CA GLY B 90 6.62 20.70 -8.12
C GLY B 90 5.46 21.58 -8.51
N PRO B 91 5.42 22.01 -9.79
CA PRO B 91 4.41 22.94 -10.32
C PRO B 91 3.03 22.32 -10.59
N GLY B 92 1.99 23.15 -10.55
CA GLY B 92 0.66 22.75 -11.01
C GLY B 92 0.02 21.68 -10.15
N ILE B 93 -0.35 20.55 -10.75
CA ILE B 93 -0.92 19.43 -9.99
C ILE B 93 0.05 18.89 -8.92
N GLN B 94 1.35 19.03 -9.16
CA GLN B 94 2.33 18.56 -8.21
C GLN B 94 2.17 19.24 -6.85
N GLY B 95 2.28 18.46 -5.78
CA GLY B 95 2.11 18.99 -4.44
C GLY B 95 0.68 18.99 -3.96
N ASP B 96 -0.27 18.70 -4.84
CA ASP B 96 -1.69 18.80 -4.46
C ASP B 96 -2.14 17.53 -3.70
N ALA B 97 -3.24 17.64 -2.95
CA ALA B 97 -3.76 16.53 -2.17
C ALA B 97 -5.27 16.38 -2.33
N HIS B 98 -5.70 15.20 -2.76
CA HIS B 98 -7.11 14.92 -3.02
C HIS B 98 -7.65 13.86 -2.07
N PHE B 99 -8.89 14.05 -1.61
CA PHE B 99 -9.54 13.13 -0.67
C PHE B 99 -10.84 12.59 -1.23
N ASP B 100 -10.98 11.27 -1.22
CA ASP B 100 -12.13 10.61 -1.81
C ASP B 100 -13.37 10.84 -0.97
N ASP B 101 -14.26 11.72 -1.40
CA ASP B 101 -15.43 12.05 -0.60
C ASP B 101 -16.50 10.95 -0.61
N ASP B 102 -16.21 9.84 -1.28
CA ASP B 102 -17.10 8.69 -1.18
C ASP B 102 -16.80 7.93 0.08
N GLU B 103 -15.73 8.35 0.77
CA GLU B 103 -15.44 7.89 2.11
C GLU B 103 -16.13 8.77 3.13
N LEU B 104 -16.45 8.18 4.27
CA LEU B 104 -16.97 8.94 5.39
C LEU B 104 -15.80 9.51 6.19
N TRP B 105 -15.67 10.84 6.19
CA TRP B 105 -14.54 11.46 6.88
C TRP B 105 -14.94 11.84 8.29
N SER B 106 -14.12 11.48 9.25
CA SER B 106 -14.44 11.75 10.63
C SER B 106 -13.19 12.14 11.40
N LEU B 107 -13.33 12.16 12.73
CA LEU B 107 -12.19 12.29 13.62
C LEU B 107 -12.48 11.41 14.83
N GLY B 108 -11.42 10.94 15.50
CA GLY B 108 -11.59 10.12 16.68
C GLY B 108 -12.02 8.71 16.36
N LYS B 109 -12.02 7.85 17.38
CA LYS B 109 -12.38 6.44 17.19
C LYS B 109 -13.83 6.32 16.72
N GLY B 110 -14.11 5.28 15.95
CA GLY B 110 -15.46 5.04 15.46
C GLY B 110 -15.53 4.70 13.99
N VAL B 111 -16.59 5.17 13.33
CA VAL B 111 -16.81 4.87 11.93
C VAL B 111 -16.15 5.95 11.07
N GLY B 112 -15.82 5.60 9.83
CA GLY B 112 -15.15 6.53 8.94
C GLY B 112 -13.65 6.61 9.16
N TYR B 113 -12.98 7.42 8.34
CA TYR B 113 -11.54 7.60 8.45
C TYR B 113 -11.18 8.96 9.04
N SER B 114 -10.17 8.97 9.92
CA SER B 114 -9.64 10.23 10.45
C SER B 114 -9.05 11.12 9.35
N LEU B 115 -9.69 12.28 9.14
CA LEU B 115 -9.21 13.24 8.15
C LEU B 115 -7.81 13.68 8.55
N PHE B 116 -7.58 13.87 9.84
CA PHE B 116 -6.28 14.30 10.34
C PHE B 116 -5.19 13.31 9.96
N LEU B 117 -5.37 12.04 10.31
CA LEU B 117 -4.33 11.04 10.02
C LEU B 117 -4.11 10.84 8.51
N VAL B 118 -5.18 10.70 7.75
CA VAL B 118 -5.02 10.60 6.28
C VAL B 118 -4.33 11.84 5.70
N ALA B 119 -4.75 13.03 6.13
CA ALA B 119 -4.10 14.26 5.70
C ALA B 119 -2.61 14.27 6.03
N ALA B 120 -2.26 13.80 7.23
CA ALA B 120 -0.85 13.82 7.61
C ALA B 120 -0.02 12.95 6.66
N HIS B 121 -0.56 11.79 6.30
CA HIS B 121 0.09 10.86 5.38
C HIS B 121 0.19 11.50 3.99
N GLU B 122 -0.93 12.06 3.52
CA GLU B 122 -0.96 12.71 2.20
C GLU B 122 -0.01 13.89 2.12
N PHE B 123 0.06 14.67 3.19
CA PHE B 123 0.94 15.85 3.21
C PHE B 123 2.39 15.41 3.19
N GLY B 124 2.65 14.22 3.73
CA GLY B 124 3.98 13.66 3.58
C GLY B 124 4.36 13.43 2.13
N HIS B 125 3.44 12.88 1.32
CA HIS B 125 3.71 12.68 -0.11
C HIS B 125 3.93 14.04 -0.78
N ALA B 126 3.14 15.01 -0.38
CA ALA B 126 3.15 16.36 -0.96
C ALA B 126 4.45 17.07 -0.59
N LEU B 127 5.15 16.56 0.41
CA LEU B 127 6.49 17.09 0.73
C LEU B 127 7.62 16.30 0.09
N GLY B 128 7.30 15.15 -0.48
CA GLY B 128 8.32 14.37 -1.18
C GLY B 128 8.65 12.97 -0.65
N LEU B 129 7.90 12.50 0.34
CA LEU B 129 8.12 11.15 0.86
C LEU B 129 7.24 10.11 0.13
N ASP B 130 7.86 9.01 -0.25
CA ASP B 130 7.15 7.88 -0.81
C ASP B 130 6.74 6.95 0.34
N HIS B 131 6.15 5.80 0.02
CA HIS B 131 5.77 4.85 1.04
C HIS B 131 6.98 4.22 1.73
N SER B 132 6.84 3.99 3.03
CA SER B 132 7.88 3.36 3.82
C SER B 132 7.52 1.88 3.96
N SER B 133 8.55 1.04 4.16
CA SER B 133 8.32 -0.39 4.40
C SER B 133 8.26 -0.70 5.89
N VAL B 134 8.43 0.32 6.72
CA VAL B 134 8.44 0.12 8.17
C VAL B 134 7.01 0.21 8.68
N PRO B 135 6.43 -0.92 9.11
CA PRO B 135 4.99 -1.00 9.40
C PRO B 135 4.46 0.08 10.34
N GLU B 136 5.25 0.52 11.31
CA GLU B 136 4.76 1.52 12.26
C GLU B 136 4.72 2.96 11.66
N ALA B 137 5.45 3.20 10.59
CA ALA B 137 5.64 4.55 10.07
C ALA B 137 4.35 5.20 9.56
N LEU B 138 4.23 6.52 9.69
CA LEU B 138 3.09 7.24 9.12
C LEU B 138 3.03 7.04 7.60
N MET B 139 4.20 6.95 6.95
CA MET B 139 4.22 6.78 5.51
C MET B 139 4.00 5.33 5.04
N TYR B 140 3.82 4.39 5.97
CA TYR B 140 3.48 3.01 5.59
C TYR B 140 2.06 3.00 5.04
N PRO B 141 1.85 2.37 3.86
CA PRO B 141 0.61 2.47 3.09
C PRO B 141 -0.54 1.65 3.68
N MET B 142 -0.76 1.81 4.97
CA MET B 142 -1.85 1.09 5.61
C MET B 142 -2.52 1.97 6.66
N TYR B 143 -3.78 2.32 6.44
CA TYR B 143 -4.50 3.13 7.41
C TYR B 143 -4.72 2.39 8.71
N ARG B 144 -4.34 3.05 9.79
CA ARG B 144 -4.42 2.52 11.15
C ARG B 144 -4.88 3.64 12.09
N PHE B 145 -6.07 3.52 12.65
CA PHE B 145 -6.46 4.54 13.61
C PHE B 145 -5.56 4.45 14.84
N THR B 146 -5.10 5.62 15.30
CA THR B 146 -4.32 5.67 16.52
C THR B 146 -4.59 6.97 17.26
N GLU B 147 -4.38 6.94 18.56
CA GLU B 147 -4.47 8.15 19.38
C GLU B 147 -3.07 8.62 19.76
N GLY B 148 -2.08 7.80 19.42
CA GLY B 148 -0.69 8.14 19.70
C GLY B 148 -0.12 9.09 18.67
N PRO B 149 1.04 9.67 18.96
CA PRO B 149 1.64 10.62 18.02
C PRO B 149 1.98 9.91 16.71
N PRO B 150 1.59 10.51 15.58
CA PRO B 150 1.66 9.84 14.26
C PRO B 150 3.08 9.67 13.69
N LEU B 151 4.01 10.57 14.02
CA LEU B 151 5.32 10.45 13.38
C LEU B 151 6.17 9.35 14.02
N HIS B 152 6.87 8.60 13.15
CA HIS B 152 7.81 7.55 13.54
C HIS B 152 9.22 8.03 13.18
N LYS B 153 10.25 7.46 13.81
CA LYS B 153 11.65 7.75 13.45
C LYS B 153 11.87 7.73 11.94
N ASP B 154 11.26 6.76 11.26
CA ASP B 154 11.52 6.57 9.83
C ASP B 154 10.96 7.71 9.00
N ASP B 155 9.83 8.28 9.44
CA ASP B 155 9.22 9.42 8.76
C ASP B 155 10.11 10.64 8.93
N VAL B 156 10.57 10.84 10.15
CA VAL B 156 11.41 11.98 10.47
C VAL B 156 12.76 11.86 9.77
N ASN B 157 13.36 10.68 9.80
CA ASN B 157 14.60 10.43 9.03
C ASN B 157 14.44 10.73 7.54
N GLY B 158 13.26 10.41 7.00
CA GLY B 158 12.99 10.59 5.59
C GLY B 158 12.91 12.08 5.30
N ILE B 159 12.19 12.82 6.13
CA ILE B 159 11.99 14.23 5.83
C ILE B 159 13.29 15.03 6.04
N ARG B 160 14.16 14.53 6.91
CA ARG B 160 15.44 15.17 7.15
C ARG B 160 16.42 14.90 6.00
N HIS B 161 16.27 13.76 5.37
CA HIS B 161 17.05 13.43 4.19
C HIS B 161 16.76 14.40 3.05
N LEU B 162 15.50 14.82 2.92
CA LEU B 162 15.13 15.82 1.92
C LEU B 162 15.47 17.27 2.33
N TYR B 163 15.14 17.65 3.55
CA TYR B 163 15.15 19.07 3.95
C TYR B 163 16.22 19.45 4.97
N GLY B 164 16.95 18.45 5.46
CA GLY B 164 18.09 18.72 6.34
C GLY B 164 17.86 18.32 7.78
#